data_8PDT
#
_entry.id   8PDT
#
_cell.length_a   41.710
_cell.length_b   59.900
_cell.length_c   88.960
_cell.angle_alpha   90.000
_cell.angle_beta   90.000
_cell.angle_gamma   90.000
#
_symmetry.space_group_name_H-M   'P 21 21 21'
#
loop_
_entity.id
_entity.type
_entity.pdbx_description
1 polymer 'Alginate lyase'
2 branched 'beta-D-mannopyranuronic acid-(1-4)-alpha-D-mannopyranuronic acid'
3 branched 'beta-D-mannopyranuronic acid-(1-4)-alpha-L-gulopyranuronic acid'
4 water water
#
_entity_poly.entity_id   1
_entity_poly.type   'polypeptide(L)'
_entity_poly.pdbx_seq_one_letter_code
;EFLTAVSSIDTFLPVLNEAKLQWPTSALAASSEELLGGYVGSQFYLQDGKYMQFQIAGSSNRCELRQMIPDGGSEIGWAV
DDGTTHTATSSIVVPEQVDGVEEVTIMQIHSGEAPQLRISWIRSKSLDGVAYEDFIMSTVRIGTGDSSDNFVKTHLADRT
AGAMSFQIDVKDSKLTITVNGNVVVNGQDLSFWDGTDSCYFKAGAYNNNPTSESATARIKFAALAWVDHHHHHH
;
_entity_poly.pdbx_strand_id   A
#
loop_
_chem_comp.id
_chem_comp.type
_chem_comp.name
_chem_comp.formula
BEM D-saccharide, beta linking 'beta-D-mannopyranuronic acid' 'C6 H10 O7'
LGU L-saccharide, alpha linking 'alpha-L-gulopyranuronic acid' 'C6 H10 O7'
MAV D-saccharide, alpha linking 'alpha-D-mannopyranuronic acid' 'C6 H10 O7'
#
# COMPACT_ATOMS: atom_id res chain seq x y z
N PHE A 2 -27.93 0.06 3.09
CA PHE A 2 -27.09 1.01 2.30
C PHE A 2 -25.64 0.96 2.79
N LEU A 3 -24.70 1.31 1.91
CA LEU A 3 -23.28 1.21 2.21
C LEU A 3 -22.80 2.47 2.93
N THR A 4 -22.20 2.27 4.11
CA THR A 4 -21.72 3.39 4.91
C THR A 4 -20.41 3.94 4.35
N ALA A 5 -20.30 5.27 4.31
CA ALA A 5 -19.13 5.90 3.69
C ALA A 5 -17.96 5.98 4.68
N VAL A 6 -16.74 5.86 4.14
CA VAL A 6 -15.54 5.88 4.97
C VAL A 6 -15.42 7.20 5.72
N SER A 7 -15.84 8.30 5.09
CA SER A 7 -15.72 9.62 5.72
C SER A 7 -16.77 9.86 6.82
N SER A 8 -17.65 8.90 7.09
CA SER A 8 -18.67 9.08 8.12
CA SER A 8 -18.67 9.08 8.12
C SER A 8 -18.11 9.02 9.53
N ILE A 9 -16.87 8.56 9.71
CA ILE A 9 -16.18 8.58 10.98
C ILE A 9 -14.93 9.45 10.81
N ASP A 10 -14.26 9.72 11.93
CA ASP A 10 -13.14 10.66 11.87
C ASP A 10 -11.80 10.01 11.54
N THR A 11 -11.72 8.68 11.60
CA THR A 11 -10.43 7.98 11.65
C THR A 11 -9.58 8.24 10.42
N PHE A 12 -10.18 8.29 9.24
CA PHE A 12 -9.44 8.34 8.00
C PHE A 12 -9.42 9.73 7.38
N LEU A 13 -10.03 10.72 8.01
CA LEU A 13 -10.08 12.04 7.39
C LEU A 13 -8.71 12.61 7.08
N PRO A 14 -7.69 12.48 7.95
CA PRO A 14 -6.38 13.03 7.57
C PRO A 14 -5.85 12.48 6.26
N VAL A 15 -5.88 11.17 6.07
CA VAL A 15 -5.33 10.62 4.84
C VAL A 15 -6.24 10.89 3.65
N LEU A 16 -7.56 10.90 3.86
CA LEU A 16 -8.45 11.22 2.75
C LEU A 16 -8.22 12.64 2.24
N ASN A 17 -7.79 13.54 3.11
CA ASN A 17 -7.45 14.91 2.73
C ASN A 17 -6.12 14.97 1.99
N GLU A 18 -5.43 13.84 1.85
CA GLU A 18 -4.11 13.76 1.21
CA GLU A 18 -4.11 13.76 1.21
C GLU A 18 -4.06 12.61 0.22
N ALA A 19 -5.17 12.31 -0.45
CA ALA A 19 -5.19 11.16 -1.35
C ALA A 19 -6.33 11.30 -2.34
N LYS A 20 -6.15 10.70 -3.51
CA LYS A 20 -7.22 10.40 -4.44
C LYS A 20 -7.40 8.88 -4.49
N LEU A 21 -8.60 8.45 -4.88
CA LEU A 21 -8.90 7.03 -5.02
C LEU A 21 -8.87 6.68 -6.50
N GLN A 22 -8.11 5.65 -6.82
CA GLN A 22 -8.01 5.07 -8.16
C GLN A 22 -8.75 3.74 -8.17
N TRP A 23 -9.70 3.61 -9.09
CA TRP A 23 -10.48 2.38 -9.22
C TRP A 23 -11.26 2.45 -10.53
N PRO A 24 -11.41 1.33 -11.27
CA PRO A 24 -10.87 0.00 -11.02
C PRO A 24 -9.48 -0.16 -11.64
N THR A 25 -9.01 0.90 -12.29
CA THR A 25 -7.64 0.96 -12.80
C THR A 25 -6.96 2.14 -12.11
N SER A 26 -5.94 2.71 -12.74
CA SER A 26 -5.39 3.93 -12.16
C SER A 26 -6.18 5.17 -12.54
N ALA A 27 -7.24 5.01 -13.32
CA ALA A 27 -8.18 6.10 -13.55
C ALA A 27 -8.73 6.63 -12.24
N LEU A 28 -8.96 7.94 -12.20
CA LEU A 28 -9.53 8.59 -11.04
C LEU A 28 -10.93 8.07 -10.80
N ALA A 29 -11.18 7.62 -9.58
CA ALA A 29 -12.51 7.27 -9.13
C ALA A 29 -13.10 8.36 -8.24
N ALA A 30 -12.28 8.96 -7.38
CA ALA A 30 -12.76 10.00 -6.47
C ALA A 30 -11.59 10.88 -6.08
N SER A 31 -11.77 12.18 -6.23
CA SER A 31 -10.79 13.14 -5.73
C SER A 31 -10.80 13.14 -4.20
N SER A 32 -9.77 13.78 -3.63
CA SER A 32 -9.73 13.98 -2.18
C SER A 32 -11.02 14.63 -1.68
N GLU A 33 -11.45 15.70 -2.36
CA GLU A 33 -12.67 16.39 -1.97
C GLU A 33 -13.88 15.46 -1.97
N GLU A 34 -13.98 14.60 -2.99
CA GLU A 34 -15.11 13.67 -3.08
CA GLU A 34 -15.11 13.67 -3.08
C GLU A 34 -15.03 12.62 -1.99
N LEU A 35 -13.83 12.13 -1.69
CA LEU A 35 -13.66 11.20 -0.57
C LEU A 35 -14.13 11.81 0.73
N LEU A 36 -13.68 13.02 1.05
CA LEU A 36 -14.13 13.69 2.26
C LEU A 36 -15.61 13.97 2.25
N GLY A 37 -16.21 14.08 1.06
CA GLY A 37 -17.61 14.37 0.90
C GLY A 37 -18.52 13.15 0.92
N GLY A 38 -18.00 11.97 1.19
CA GLY A 38 -18.83 10.80 1.35
C GLY A 38 -18.86 9.81 0.19
N TYR A 39 -17.94 9.91 -0.76
CA TYR A 39 -17.88 8.93 -1.83
C TYR A 39 -17.92 7.52 -1.26
N VAL A 40 -18.72 6.66 -1.88
CA VAL A 40 -18.90 5.30 -1.39
C VAL A 40 -19.35 4.40 -2.54
N GLY A 41 -18.92 3.14 -2.48
CA GLY A 41 -19.39 2.09 -3.37
C GLY A 41 -18.95 0.78 -2.78
N SER A 42 -19.35 -0.32 -3.42
CA SER A 42 -18.94 -1.63 -2.91
C SER A 42 -17.42 -1.77 -2.90
N GLN A 43 -16.72 -1.04 -3.78
CA GLN A 43 -15.26 -1.10 -3.84
C GLN A 43 -14.57 -0.37 -2.70
N PHE A 44 -15.28 0.51 -1.98
CA PHE A 44 -14.66 1.44 -1.03
C PHE A 44 -15.75 1.88 -0.06
N TYR A 45 -15.85 1.22 1.09
CA TYR A 45 -16.87 1.56 2.07
C TYR A 45 -16.37 1.22 3.48
N LEU A 46 -17.12 1.70 4.46
CA LEU A 46 -16.78 1.49 5.86
C LEU A 46 -17.39 0.17 6.32
N GLN A 47 -16.54 -0.76 6.75
CA GLN A 47 -16.95 -2.07 7.21
C GLN A 47 -16.90 -2.08 8.74
N ASP A 48 -17.91 -2.67 9.36
CA ASP A 48 -17.97 -2.81 10.82
C ASP A 48 -17.96 -1.46 11.54
N GLY A 49 -18.33 -0.36 10.87
CA GLY A 49 -18.24 0.95 11.48
C GLY A 49 -16.83 1.42 11.81
N LYS A 50 -15.81 0.76 11.25
N LYS A 50 -15.80 0.76 11.30
CA LYS A 50 -14.46 0.79 11.82
CA LYS A 50 -14.44 1.17 11.68
C LYS A 50 -13.33 0.67 10.79
C LYS A 50 -13.40 0.97 10.59
N TYR A 51 -13.59 0.05 9.64
CA TYR A 51 -12.54 -0.27 8.66
C TYR A 51 -12.81 0.40 7.33
N MET A 52 -11.79 1.03 6.78
CA MET A 52 -11.80 1.48 5.40
C MET A 52 -11.49 0.25 4.54
N GLN A 53 -12.51 -0.29 3.87
CA GLN A 53 -12.40 -1.55 3.16
C GLN A 53 -12.32 -1.31 1.65
N PHE A 54 -11.33 -1.93 1.03
CA PHE A 54 -11.13 -1.90 -0.40
C PHE A 54 -11.44 -3.27 -0.99
N GLN A 55 -12.12 -3.28 -2.15
CA GLN A 55 -12.40 -4.51 -2.88
C GLN A 55 -12.14 -4.32 -4.36
N ILE A 56 -11.58 -5.34 -5.01
CA ILE A 56 -11.31 -5.29 -6.45
C ILE A 56 -11.12 -6.70 -6.98
N ALA A 57 -11.63 -6.93 -8.20
CA ALA A 57 -11.38 -8.13 -8.98
C ALA A 57 -10.70 -7.71 -10.27
N GLY A 58 -9.94 -8.64 -10.84
CA GLY A 58 -9.35 -8.44 -12.14
C GLY A 58 -7.83 -8.30 -12.05
N SER A 59 -7.12 -8.89 -13.01
CA SER A 59 -5.66 -8.88 -12.96
C SER A 59 -5.14 -7.48 -13.24
N SER A 60 -4.31 -6.95 -12.34
CA SER A 60 -3.71 -5.63 -12.37
C SER A 60 -4.71 -4.51 -12.10
N ASN A 61 -5.96 -4.84 -11.76
CA ASN A 61 -6.92 -3.83 -11.33
C ASN A 61 -6.61 -3.42 -9.88
N ARG A 62 -7.17 -2.29 -9.48
CA ARG A 62 -6.92 -1.78 -8.14
C ARG A 62 -8.13 -1.03 -7.62
N CYS A 63 -8.15 -0.91 -6.29
CA CYS A 63 -8.94 0.11 -5.59
C CYS A 63 -7.95 0.65 -4.54
N GLU A 64 -7.36 1.82 -4.81
CA GLU A 64 -6.14 2.21 -4.13
C GLU A 64 -6.13 3.72 -3.91
N LEU A 65 -5.69 4.15 -2.73
CA LEU A 65 -5.40 5.57 -2.49
C LEU A 65 -4.00 5.91 -2.99
N ARG A 66 -3.87 7.12 -3.53
CA ARG A 66 -2.64 7.61 -4.13
C ARG A 66 -2.34 8.97 -3.49
N GLN A 67 -1.16 9.11 -2.90
CA GLN A 67 -0.82 10.30 -2.12
C GLN A 67 -0.88 11.58 -2.94
N MET A 68 -1.56 12.58 -2.38
CA MET A 68 -1.71 13.90 -2.97
C MET A 68 -1.20 14.96 -2.02
N ILE A 69 -0.89 16.11 -2.60
CA ILE A 69 -0.63 17.30 -1.78
C ILE A 69 -1.88 17.60 -0.97
N PRO A 70 -1.77 17.95 0.32
CA PRO A 70 -2.96 18.08 1.16
C PRO A 70 -3.85 19.24 0.75
N ASP A 71 -5.10 19.19 1.24
CA ASP A 71 -6.04 20.31 1.14
C ASP A 71 -6.40 20.61 -0.31
N GLY A 72 -6.70 19.56 -1.07
CA GLY A 72 -7.14 19.74 -2.44
C GLY A 72 -6.04 19.90 -3.46
N GLY A 73 -4.81 19.51 -3.13
CA GLY A 73 -3.70 19.70 -4.01
C GLY A 73 -3.59 18.63 -5.07
N SER A 74 -2.61 18.81 -5.95
CA SER A 74 -2.38 17.86 -7.04
C SER A 74 -1.48 16.72 -6.57
N GLU A 75 -1.13 15.86 -7.51
CA GLU A 75 -0.30 14.69 -7.24
C GLU A 75 1.05 15.09 -6.66
N ILE A 76 1.44 14.44 -5.57
CA ILE A 76 2.74 14.70 -4.95
C ILE A 76 3.83 13.92 -5.66
N GLY A 77 5.05 14.45 -5.55
CA GLY A 77 6.24 13.75 -5.98
C GLY A 77 7.38 14.11 -5.06
N TRP A 78 8.03 13.11 -4.47
CA TRP A 78 9.19 13.32 -3.62
C TRP A 78 10.30 12.36 -4.04
N ALA A 79 11.47 12.52 -3.44
CA ALA A 79 12.64 11.73 -3.79
C ALA A 79 13.22 11.07 -2.56
N VAL A 80 13.74 9.85 -2.73
CA VAL A 80 14.33 9.14 -1.61
C VAL A 80 15.52 9.91 -1.03
N ASP A 81 16.17 10.76 -1.84
CA ASP A 81 17.36 11.48 -1.41
C ASP A 81 17.11 12.98 -1.20
N ASP A 82 15.86 13.38 -0.93
CA ASP A 82 15.62 14.79 -0.69
C ASP A 82 15.99 15.21 0.72
N GLY A 83 16.36 14.27 1.60
CA GLY A 83 16.79 14.57 2.93
C GLY A 83 15.69 14.55 3.97
N THR A 84 14.43 14.56 3.54
CA THR A 84 13.30 14.45 4.43
C THR A 84 12.99 12.98 4.71
N THR A 85 12.47 12.71 5.91
CA THR A 85 11.89 11.39 6.19
C THR A 85 10.47 11.34 5.64
N HIS A 86 10.19 10.36 4.78
CA HIS A 86 8.84 10.12 4.26
C HIS A 86 8.31 8.89 4.96
N THR A 87 7.13 9.01 5.57
CA THR A 87 6.60 7.96 6.41
C THR A 87 5.15 7.67 6.08
N ALA A 88 4.81 6.38 6.01
CA ALA A 88 3.44 5.91 5.85
C ALA A 88 3.19 4.88 6.95
N THR A 89 2.06 5.00 7.64
CA THR A 89 1.68 4.05 8.67
C THR A 89 0.33 3.42 8.31
N SER A 90 0.11 2.21 8.80
CA SER A 90 -1.18 1.58 8.61
C SER A 90 -1.39 0.55 9.71
N SER A 91 -2.65 0.19 9.88
CA SER A 91 -3.06 -0.99 10.64
C SER A 91 -4.05 -1.71 9.76
N ILE A 92 -3.76 -2.96 9.41
CA ILE A 92 -4.48 -3.66 8.34
C ILE A 92 -4.96 -5.01 8.85
N VAL A 93 -6.24 -5.29 8.61
CA VAL A 93 -6.80 -6.62 8.75
C VAL A 93 -6.89 -7.20 7.34
N VAL A 94 -6.03 -8.18 7.08
CA VAL A 94 -6.06 -8.93 5.83
C VAL A 94 -6.92 -10.17 6.07
N PRO A 95 -8.15 -10.23 5.52
CA PRO A 95 -8.94 -11.44 5.69
C PRO A 95 -8.43 -12.57 4.83
N GLU A 96 -8.96 -13.77 5.10
N GLU A 96 -8.99 -13.75 5.07
CA GLU A 96 -8.74 -14.86 4.19
CA GLU A 96 -8.75 -14.90 4.19
C GLU A 96 -9.22 -14.44 2.81
C GLU A 96 -9.27 -14.58 2.80
N GLN A 97 -8.40 -14.68 1.79
CA GLN A 97 -8.76 -14.30 0.44
C GLN A 97 -9.45 -15.45 -0.31
N VAL A 98 -10.42 -15.10 -1.15
CA VAL A 98 -11.18 -16.11 -1.88
C VAL A 98 -10.29 -16.78 -2.94
N ASP A 99 -10.71 -17.97 -3.37
CA ASP A 99 -9.91 -18.70 -4.33
C ASP A 99 -9.77 -17.89 -5.61
N GLY A 100 -8.59 -17.95 -6.22
CA GLY A 100 -8.31 -17.18 -7.39
C GLY A 100 -7.53 -15.91 -7.13
N VAL A 101 -7.62 -15.34 -5.92
CA VAL A 101 -6.78 -14.23 -5.49
C VAL A 101 -5.46 -14.81 -5.00
N GLU A 102 -4.36 -14.34 -5.59
N GLU A 102 -4.36 -14.34 -5.59
CA GLU A 102 -3.03 -14.92 -5.33
CA GLU A 102 -3.04 -14.92 -5.33
C GLU A 102 -2.05 -13.94 -4.70
C GLU A 102 -2.05 -13.94 -4.71
N GLU A 103 -2.19 -12.65 -4.97
CA GLU A 103 -1.29 -11.64 -4.43
C GLU A 103 -2.03 -10.32 -4.43
N VAL A 104 -1.99 -9.59 -3.30
CA VAL A 104 -2.67 -8.30 -3.19
C VAL A 104 -1.70 -7.31 -2.59
N THR A 105 -1.34 -6.30 -3.37
CA THR A 105 -0.49 -5.23 -2.88
C THR A 105 -1.33 -4.28 -2.03
N ILE A 106 -0.88 -4.04 -0.80
CA ILE A 106 -1.62 -3.26 0.18
C ILE A 106 -0.97 -1.93 0.56
N MET A 107 0.34 -1.76 0.35
CA MET A 107 1.00 -0.47 0.41
C MET A 107 2.11 -0.42 -0.62
N GLN A 108 2.39 0.79 -1.13
CA GLN A 108 3.48 0.96 -2.09
C GLN A 108 4.24 2.26 -1.83
N ILE A 109 5.49 2.26 -2.29
CA ILE A 109 6.16 3.47 -2.76
C ILE A 109 6.25 3.27 -4.27
N HIS A 110 5.73 4.22 -5.03
CA HIS A 110 5.70 4.15 -6.48
C HIS A 110 6.14 5.48 -7.05
N SER A 111 6.65 5.48 -8.29
CA SER A 111 7.08 6.69 -8.98
C SER A 111 6.33 6.79 -10.30
N GLY A 112 6.79 7.69 -11.17
CA GLY A 112 6.15 7.80 -12.45
C GLY A 112 6.26 6.55 -13.32
N GLU A 113 7.23 5.69 -13.04
CA GLU A 113 7.49 4.55 -13.91
C GLU A 113 7.67 3.21 -13.21
N ALA A 114 7.71 3.12 -11.89
CA ALA A 114 8.05 1.85 -11.27
C ALA A 114 7.61 1.82 -9.83
N PRO A 115 7.42 0.61 -9.29
CA PRO A 115 7.24 0.44 -7.85
C PRO A 115 8.58 0.29 -7.14
N GLN A 116 8.95 1.29 -6.34
CA GLN A 116 10.13 1.13 -5.51
C GLN A 116 9.91 0.05 -4.45
N LEU A 117 8.71 0.00 -3.87
CA LEU A 117 8.36 -0.94 -2.83
C LEU A 117 6.91 -1.35 -3.00
N ARG A 118 6.64 -2.65 -2.93
CA ARG A 118 5.31 -3.19 -2.70
C ARG A 118 5.33 -4.03 -1.43
N ILE A 119 4.41 -3.73 -0.51
CA ILE A 119 4.05 -4.66 0.57
C ILE A 119 2.81 -5.39 0.10
N SER A 120 2.87 -6.74 0.03
CA SER A 120 1.76 -7.50 -0.52
C SER A 120 1.48 -8.72 0.32
N TRP A 121 0.21 -9.07 0.42
CA TRP A 121 -0.19 -10.41 0.83
C TRP A 121 0.02 -11.35 -0.36
N ILE A 122 0.51 -12.56 -0.08
CA ILE A 122 0.71 -13.53 -1.15
C ILE A 122 0.37 -14.93 -0.65
N ARG A 123 -0.33 -15.67 -1.50
CA ARG A 123 -0.83 -16.98 -1.11
C ARG A 123 0.29 -18.01 -0.93
N SER A 124 1.27 -18.01 -1.83
CA SER A 124 2.32 -19.02 -1.80
C SER A 124 3.50 -18.49 -2.60
N LYS A 125 4.69 -18.55 -2.03
CA LYS A 125 5.90 -18.12 -2.73
CA LYS A 125 5.90 -18.11 -2.72
C LYS A 125 7.12 -18.65 -2.01
N SER A 126 8.15 -18.99 -2.76
CA SER A 126 9.44 -19.36 -2.19
CA SER A 126 9.44 -19.37 -2.20
C SER A 126 10.39 -18.18 -2.32
N LEU A 127 11.09 -17.88 -1.24
CA LEU A 127 12.07 -16.80 -1.18
C LEU A 127 13.36 -17.38 -0.61
N ASP A 128 14.46 -17.22 -1.35
CA ASP A 128 15.78 -17.67 -0.92
C ASP A 128 15.75 -19.14 -0.47
N GLY A 129 15.00 -19.96 -1.20
N GLY A 129 15.01 -19.96 -1.19
CA GLY A 129 14.97 -21.38 -0.93
CA GLY A 129 14.97 -21.37 -0.91
C GLY A 129 14.06 -21.80 0.22
C GLY A 129 14.08 -21.79 0.24
N VAL A 130 13.19 -20.92 0.69
CA VAL A 130 12.23 -21.25 1.74
C VAL A 130 10.83 -21.03 1.19
N ALA A 131 9.98 -22.04 1.31
CA ALA A 131 8.58 -21.90 0.92
C ALA A 131 7.78 -21.22 2.03
N TYR A 132 6.94 -20.26 1.64
CA TYR A 132 6.05 -19.56 2.56
C TYR A 132 4.63 -19.57 2.00
N GLU A 133 3.65 -19.67 2.89
CA GLU A 133 2.25 -19.57 2.53
C GLU A 133 1.58 -18.50 3.38
N ASP A 134 0.59 -17.84 2.77
CA ASP A 134 -0.33 -16.96 3.47
C ASP A 134 0.42 -15.94 4.31
N PHE A 135 1.17 -15.08 3.62
CA PHE A 135 2.09 -14.22 4.32
C PHE A 135 2.15 -12.85 3.65
N ILE A 136 2.77 -11.92 4.38
CA ILE A 136 3.00 -10.54 3.93
C ILE A 136 4.47 -10.42 3.53
N MET A 137 4.70 -9.88 2.33
CA MET A 137 6.00 -9.81 1.68
C MET A 137 6.33 -8.36 1.35
N SER A 138 7.61 -8.02 1.40
N SER A 138 7.63 -8.08 1.35
CA SER A 138 8.06 -6.79 0.78
CA SER A 138 8.18 -6.84 0.83
C SER A 138 8.88 -7.11 -0.46
C SER A 138 8.92 -7.13 -0.46
N THR A 139 8.60 -6.37 -1.53
CA THR A 139 9.34 -6.46 -2.79
C THR A 139 9.90 -5.07 -3.07
N VAL A 140 11.22 -4.94 -3.01
CA VAL A 140 11.92 -3.69 -3.26
C VAL A 140 12.62 -3.82 -4.62
N ARG A 141 12.43 -2.83 -5.48
CA ARG A 141 13.22 -2.76 -6.71
C ARG A 141 14.51 -2.00 -6.47
N ILE A 142 15.64 -2.60 -6.85
CA ILE A 142 16.94 -1.93 -6.90
C ILE A 142 17.40 -1.76 -8.35
N GLY A 143 16.52 -1.99 -9.31
N GLY A 143 16.51 -1.97 -9.31
CA GLY A 143 16.77 -1.75 -10.73
CA GLY A 143 16.76 -1.76 -10.72
C GLY A 143 15.45 -1.88 -11.46
C GLY A 143 15.45 -1.92 -11.47
N THR A 144 15.49 -1.60 -12.76
CA THR A 144 14.29 -1.71 -13.61
C THR A 144 14.29 -2.96 -14.49
N GLY A 145 15.30 -3.83 -14.38
CA GLY A 145 15.30 -5.07 -15.12
C GLY A 145 14.35 -6.08 -14.53
N ASP A 146 14.25 -7.22 -15.21
CA ASP A 146 13.30 -8.27 -14.85
C ASP A 146 13.94 -9.41 -14.08
N SER A 147 15.25 -9.55 -14.11
CA SER A 147 15.90 -10.66 -13.42
C SER A 147 15.91 -10.44 -11.92
N SER A 148 16.18 -11.51 -11.18
CA SER A 148 16.07 -11.49 -9.73
C SER A 148 17.03 -10.49 -9.09
N ASP A 149 18.13 -10.14 -9.75
CA ASP A 149 19.06 -9.17 -9.19
C ASP A 149 18.47 -7.77 -9.09
N ASN A 150 17.33 -7.51 -9.70
CA ASN A 150 16.67 -6.21 -9.62
C ASN A 150 15.77 -6.07 -8.40
N PHE A 151 15.62 -7.12 -7.59
CA PHE A 151 14.66 -7.12 -6.49
C PHE A 151 15.33 -7.61 -5.21
N VAL A 152 14.84 -7.09 -4.09
CA VAL A 152 15.09 -7.67 -2.78
C VAL A 152 13.72 -8.00 -2.22
N LYS A 153 13.46 -9.29 -2.02
CA LYS A 153 12.17 -9.78 -1.55
C LYS A 153 12.34 -10.39 -0.16
N THR A 154 11.44 -10.03 0.75
CA THR A 154 11.58 -10.37 2.16
C THR A 154 10.24 -10.86 2.71
N HIS A 155 10.25 -11.97 3.45
CA HIS A 155 9.09 -12.33 4.27
C HIS A 155 9.00 -11.33 5.42
N LEU A 156 7.86 -10.66 5.54
CA LEU A 156 7.68 -9.73 6.66
C LEU A 156 7.02 -10.38 7.86
N ALA A 157 5.94 -11.14 7.65
CA ALA A 157 5.16 -11.76 8.72
C ALA A 157 4.15 -12.69 8.08
N ASP A 158 3.79 -13.76 8.80
CA ASP A 158 2.63 -14.55 8.42
C ASP A 158 1.37 -13.69 8.59
N ARG A 159 0.40 -13.89 7.69
CA ARG A 159 -0.86 -13.17 7.85
C ARG A 159 -1.51 -13.51 9.18
N THR A 160 -2.00 -12.50 9.88
CA THR A 160 -2.75 -12.71 11.11
C THR A 160 -4.23 -12.41 10.89
N ALA A 161 -5.07 -13.05 11.68
CA ALA A 161 -6.48 -12.74 11.63
C ALA A 161 -6.74 -11.32 12.11
N GLY A 162 -6.01 -10.89 13.15
CA GLY A 162 -6.20 -9.57 13.70
C GLY A 162 -5.37 -8.53 12.98
N ALA A 163 -5.59 -7.27 13.37
CA ALA A 163 -4.89 -6.15 12.76
C ALA A 163 -3.38 -6.29 12.92
N MET A 164 -2.68 -5.93 11.85
CA MET A 164 -1.23 -5.90 11.79
C MET A 164 -0.81 -4.47 11.46
N SER A 165 0.10 -3.93 12.26
N SER A 165 0.12 -3.94 12.25
CA SER A 165 0.60 -2.59 12.01
CA SER A 165 0.65 -2.60 12.04
C SER A 165 1.82 -2.60 11.10
C SER A 165 1.82 -2.64 11.08
N PHE A 166 1.87 -1.64 10.19
CA PHE A 166 2.99 -1.44 9.30
C PHE A 166 3.45 0.00 9.39
N GLN A 167 4.76 0.19 9.21
CA GLN A 167 5.28 1.52 8.99
C GLN A 167 6.40 1.45 7.96
N ILE A 168 6.32 2.35 6.99
CA ILE A 168 7.34 2.54 5.95
C ILE A 168 8.01 3.87 6.22
N ASP A 169 9.34 3.87 6.30
CA ASP A 169 10.12 5.09 6.40
C ASP A 169 11.19 5.12 5.31
N VAL A 170 11.32 6.27 4.65
CA VAL A 170 12.41 6.52 3.71
C VAL A 170 13.13 7.78 4.15
N LYS A 171 14.44 7.69 4.33
N LYS A 171 14.45 7.70 4.30
N LYS A 171 14.45 7.69 4.32
CA LYS A 171 15.26 8.87 4.59
CA LYS A 171 15.26 8.86 4.62
CA LYS A 171 15.25 8.87 4.60
C LYS A 171 16.66 8.61 4.05
C LYS A 171 16.67 8.62 4.10
C LYS A 171 16.67 8.63 4.12
N ASP A 172 17.22 9.61 3.39
CA ASP A 172 18.60 9.55 2.92
C ASP A 172 18.88 8.27 2.13
N SER A 173 17.95 7.93 1.22
CA SER A 173 18.12 6.81 0.31
C SER A 173 18.12 5.45 1.01
N LYS A 174 17.50 5.36 2.19
CA LYS A 174 17.37 4.10 2.91
C LYS A 174 15.91 3.90 3.31
N LEU A 175 15.52 2.62 3.34
CA LEU A 175 14.16 2.18 3.60
C LEU A 175 14.12 1.31 4.85
N THR A 176 13.20 1.61 5.76
CA THR A 176 12.93 0.78 6.92
C THR A 176 11.45 0.41 6.94
N ILE A 177 11.17 -0.86 7.21
CA ILE A 177 9.81 -1.38 7.35
C ILE A 177 9.69 -2.00 8.74
N THR A 178 8.71 -1.53 9.49
CA THR A 178 8.42 -2.00 10.85
C THR A 178 7.06 -2.67 10.83
N VAL A 179 6.98 -3.87 11.40
CA VAL A 179 5.76 -4.68 11.39
C VAL A 179 5.45 -5.05 12.83
N ASN A 180 4.24 -4.70 13.27
CA ASN A 180 3.83 -4.93 14.66
C ASN A 180 4.87 -4.42 15.65
N GLY A 181 5.48 -3.28 15.33
CA GLY A 181 6.41 -2.65 16.23
C GLY A 181 7.85 -3.11 16.11
N ASN A 182 8.14 -4.11 15.28
CA ASN A 182 9.48 -4.66 15.16
C ASN A 182 10.04 -4.35 13.78
N VAL A 183 11.31 -3.92 13.73
CA VAL A 183 11.94 -3.62 12.46
C VAL A 183 12.26 -4.93 11.76
N VAL A 184 11.72 -5.10 10.55
CA VAL A 184 11.97 -6.29 9.76
C VAL A 184 12.91 -6.00 8.59
N VAL A 185 12.75 -4.86 7.92
CA VAL A 185 13.70 -4.37 6.93
C VAL A 185 14.39 -3.16 7.53
N ASN A 186 15.70 -3.25 7.71
CA ASN A 186 16.49 -2.22 8.40
C ASN A 186 17.43 -1.54 7.42
N GLY A 187 17.04 -0.36 6.94
CA GLY A 187 17.94 0.44 6.13
C GLY A 187 18.29 -0.15 4.76
N GLN A 188 17.30 -0.71 4.06
CA GLN A 188 17.53 -1.21 2.71
C GLN A 188 17.93 -0.06 1.79
N ASP A 189 18.91 -0.31 0.93
N ASP A 189 18.93 -0.31 0.95
CA ASP A 189 19.46 0.70 0.03
CA ASP A 189 19.46 0.72 0.05
C ASP A 189 18.45 1.02 -1.06
C ASP A 189 18.46 1.02 -1.05
N LEU A 190 18.06 2.29 -1.16
CA LEU A 190 17.22 2.78 -2.25
C LEU A 190 17.98 3.75 -3.16
N SER A 191 19.32 3.78 -3.09
CA SER A 191 20.08 4.81 -3.80
C SER A 191 20.02 4.66 -5.31
N PHE A 192 19.63 3.49 -5.82
CA PHE A 192 19.37 3.39 -7.25
C PHE A 192 18.41 4.46 -7.70
N TRP A 193 17.46 4.85 -6.84
CA TRP A 193 16.42 5.80 -7.16
C TRP A 193 16.79 7.25 -6.87
N ASP A 194 18.03 7.52 -6.47
CA ASP A 194 18.44 8.89 -6.19
C ASP A 194 18.10 9.77 -7.39
N GLY A 195 17.50 10.92 -7.11
CA GLY A 195 17.16 11.88 -8.15
C GLY A 195 15.80 11.69 -8.80
N THR A 196 15.15 10.55 -8.59
CA THR A 196 13.78 10.37 -9.08
C THR A 196 12.86 11.18 -8.17
N ASP A 197 12.21 12.21 -8.72
CA ASP A 197 11.46 13.15 -7.90
C ASP A 197 9.94 12.95 -8.00
N SER A 198 9.51 11.76 -8.42
CA SER A 198 8.10 11.48 -8.68
C SER A 198 7.55 10.41 -7.75
N CYS A 199 8.26 10.09 -6.66
CA CYS A 199 7.79 9.06 -5.74
C CYS A 199 6.61 9.54 -4.91
N TYR A 200 5.79 8.58 -4.49
CA TYR A 200 4.62 8.83 -3.68
C TYR A 200 4.21 7.52 -3.00
N PHE A 201 3.44 7.65 -1.92
CA PHE A 201 2.84 6.50 -1.26
C PHE A 201 1.51 6.10 -1.90
N LYS A 202 1.18 4.82 -1.77
CA LYS A 202 -0.12 4.26 -2.11
C LYS A 202 -0.53 3.26 -1.04
N ALA A 203 -1.83 3.03 -0.90
CA ALA A 203 -2.33 1.96 -0.05
C ALA A 203 -3.74 1.59 -0.47
N GLY A 204 -4.08 0.33 -0.31
CA GLY A 204 -5.42 -0.17 -0.60
C GLY A 204 -5.36 -1.62 -1.03
N ALA A 205 -5.86 -1.92 -2.22
CA ALA A 205 -5.81 -3.27 -2.79
C ALA A 205 -5.50 -3.19 -4.27
N TYR A 206 -4.36 -3.74 -4.66
CA TYR A 206 -3.91 -3.81 -6.04
C TYR A 206 -3.66 -5.29 -6.34
N ASN A 207 -4.44 -5.85 -7.26
CA ASN A 207 -4.57 -7.30 -7.42
C ASN A 207 -3.59 -7.82 -8.47
N ASN A 208 -2.66 -8.67 -8.04
CA ASN A 208 -1.56 -9.11 -8.87
C ASN A 208 -1.65 -10.61 -9.17
N ASN A 209 -1.50 -10.97 -10.44
CA ASN A 209 -1.44 -12.37 -10.87
C ASN A 209 -2.55 -13.29 -10.33
N PRO A 210 -3.81 -12.86 -10.36
CA PRO A 210 -4.89 -13.78 -9.96
C PRO A 210 -5.00 -14.91 -10.97
N THR A 211 -5.57 -16.04 -10.54
CA THR A 211 -5.90 -17.13 -11.45
C THR A 211 -7.36 -17.10 -11.89
N SER A 212 -8.14 -16.20 -11.31
CA SER A 212 -9.48 -15.92 -11.79
C SER A 212 -9.65 -14.41 -11.79
N GLU A 213 -10.08 -13.85 -12.91
CA GLU A 213 -10.29 -12.41 -12.96
C GLU A 213 -11.59 -12.00 -12.28
N SER A 214 -12.48 -12.94 -11.96
N SER A 214 -12.47 -12.95 -11.97
CA SER A 214 -13.70 -12.61 -11.24
CA SER A 214 -13.70 -12.67 -11.26
C SER A 214 -13.57 -12.73 -9.73
C SER A 214 -13.50 -12.60 -9.74
N ALA A 215 -12.41 -13.17 -9.23
CA ALA A 215 -12.21 -13.31 -7.79
C ALA A 215 -11.92 -11.95 -7.13
N THR A 216 -12.67 -11.61 -6.09
CA THR A 216 -12.61 -10.27 -5.50
C THR A 216 -11.68 -10.26 -4.31
N ALA A 217 -10.58 -9.55 -4.44
CA ALA A 217 -9.68 -9.24 -3.34
C ALA A 217 -10.36 -8.28 -2.37
N ARG A 218 -10.02 -8.38 -1.08
CA ARG A 218 -10.66 -7.56 -0.04
C ARG A 218 -9.68 -7.31 1.09
N ILE A 219 -9.48 -6.03 1.43
CA ILE A 219 -8.52 -5.62 2.45
C ILE A 219 -9.18 -4.57 3.34
N LYS A 220 -9.01 -4.69 4.67
CA LYS A 220 -9.61 -3.77 5.64
C LYS A 220 -8.52 -2.98 6.34
N PHE A 221 -8.61 -1.66 6.29
CA PHE A 221 -7.70 -0.79 7.02
C PHE A 221 -8.36 -0.27 8.29
N ALA A 222 -7.73 -0.53 9.44
CA ALA A 222 -8.13 0.09 10.70
C ALA A 222 -7.54 1.48 10.87
N ALA A 223 -6.45 1.78 10.17
CA ALA A 223 -5.78 3.08 10.24
C ALA A 223 -4.90 3.21 9.01
N LEU A 224 -4.72 4.45 8.55
CA LEU A 224 -3.79 4.73 7.46
C LEU A 224 -3.42 6.20 7.55
N ALA A 225 -2.13 6.52 7.43
CA ALA A 225 -1.73 7.93 7.41
C ALA A 225 -0.40 8.09 6.68
N TRP A 226 -0.21 9.25 6.07
CA TRP A 226 1.12 9.71 5.70
C TRP A 226 1.53 10.71 6.77
N VAL A 227 2.69 10.50 7.39
CA VAL A 227 3.10 11.28 8.57
C VAL A 227 4.14 12.30 8.13
N ASP A 228 3.82 13.59 8.26
CA ASP A 228 4.66 14.69 7.78
C ASP A 228 5.63 15.13 8.86
N HIS A 229 6.91 14.87 8.64
CA HIS A 229 7.92 15.20 9.64
C HIS A 229 8.23 16.68 9.72
N HIS A 230 7.64 17.51 8.86
CA HIS A 230 7.89 18.95 8.87
C HIS A 230 6.73 19.77 9.41
N HIS A 231 5.56 19.16 9.61
CA HIS A 231 4.43 19.80 10.29
CA HIS A 231 4.44 19.81 10.29
C HIS A 231 4.05 21.12 9.61
N HIS A 232 3.60 21.01 8.37
CA HIS A 232 3.15 22.18 7.61
C HIS A 232 1.84 22.73 8.15
C1 MAV B . 3.34 -4.74 -10.84
O1 MAV B . 3.30 -4.26 -9.64
C2 MAV B . 2.93 -6.23 -10.80
O2 MAV B . 2.93 -6.74 -12.13
C3 MAV B . 3.85 -7.03 -9.96
O3 MAV B . 3.41 -8.44 -10.01
C4 MAV B . 5.26 -6.89 -10.39
O4 MAV B . 6.07 -7.52 -9.35
C5 MAV B . 5.65 -5.45 -10.46
O5 MAV B . 4.78 -4.70 -11.37
C6 MAV B . 7.06 -5.27 -10.96
O6A MAV B . 7.97 -4.93 -10.16
O6B MAV B . 7.28 -5.44 -12.19
H1 MAV B . 2.76 -4.23 -11.43
HO1 MAV B . 3.63 -3.48 -9.64
H2 MAV B . 2.02 -6.30 -10.45
HO2 MAV B . 3.00 -7.59 -12.11
H3 MAV B . 3.80 -6.74 -9.04
HO3 MAV B . 4.09 -8.94 -10.04
H4 MAV B . 5.39 -7.32 -11.25
H5 MAV B . 5.62 -5.11 -9.55
C1 BEM B . 7.01 -8.45 -9.82
C2 BEM B . 7.96 -8.84 -8.71
O2 BEM B . 7.20 -9.29 -7.57
C3 BEM B . 8.87 -9.94 -9.14
O3 BEM B . 9.63 -10.35 -7.96
C4 BEM B . 8.13 -11.11 -9.71
O4 BEM B . 9.05 -12.00 -10.34
C5 BEM B . 7.06 -10.70 -10.74
O5 BEM B . 6.21 -9.59 -10.32
C6 BEM B . 6.12 -11.83 -10.98
O6B BEM B . 6.27 -12.52 -12.02
O6A BEM B . 5.19 -12.07 -10.17
H1 BEM B . 7.58 -8.08 -10.51
H2 BEM B . 8.49 -8.07 -8.46
HO2 BEM B . 7.49 -8.92 -6.86
H3 BEM B . 9.49 -9.63 -9.82
HO3 BEM B . 10.25 -9.78 -7.80
H4 BEM B . 7.68 -11.58 -8.97
HO4 BEM B . 9.83 -11.88 -10.01
H5 BEM B . 7.56 -10.47 -11.54
C1 LGU C . -3.56 8.91 -13.53
C2 LGU C . -3.20 7.55 -14.14
O2 LGU C . -3.85 7.44 -15.42
C3 LGU C . -1.73 7.37 -14.28
O3 LGU C . -1.18 8.30 -15.26
C4 LGU C . -1.00 7.58 -12.98
O4 LGU C . -1.33 6.57 -12.02
C5 LGU C . -1.40 8.93 -12.38
O5 LGU C . -2.85 9.03 -12.22
C6 LGU C . -0.74 9.12 -11.06
O6B LGU C . -1.45 9.28 -10.03
O6A LGU C . 0.52 9.11 -10.99
O1 LGU C . -3.18 9.92 -14.36
H1 LGU C . -4.51 8.99 -13.43
H2 LGU C . -3.54 6.85 -13.57
HO2 LGU C . -4.50 6.91 -15.37
H3 LGU C . -1.59 6.45 -14.59
HO3 LGU C . -0.64 7.89 -15.76
H4 LGU C . -0.05 7.54 -13.16
H5 LGU C . -1.09 9.64 -12.97
HO1 LGU C . -3.35 10.66 -13.98
C1 BEM C . -0.40 5.47 -12.05
C2 BEM C . -0.27 4.85 -10.69
O2 BEM C . -1.60 4.47 -10.25
C3 BEM C . 0.66 3.68 -10.73
O3 BEM C . 0.68 3.07 -9.41
C4 BEM C . 0.27 2.68 -11.79
O4 BEM C . 1.32 1.72 -11.96
C5 BEM C . 0.02 3.36 -13.16
O5 BEM C . -0.89 4.47 -13.03
C6 BEM C . -0.63 2.37 -14.09
O6B BEM C . -1.86 2.16 -14.03
O6A BEM C . 0.08 1.74 -14.93
H1 BEM C . 0.47 5.80 -12.30
H2 BEM C . 0.09 5.48 -10.03
HO2 BEM C . -1.80 3.70 -10.58
H3 BEM C . 1.55 3.98 -10.94
HO3 BEM C . 1.45 3.18 -9.06
H4 BEM C . -0.53 2.23 -11.51
HO4 BEM C . 1.28 1.16 -11.32
H5 BEM C . 0.88 3.64 -13.52
#